data_9FR2
#
_entry.id   9FR2
#
_cell.length_a   53.380
_cell.length_b   71.949
_cell.length_c   71.995
_cell.angle_alpha   90.00
_cell.angle_beta   90.00
_cell.angle_gamma   90.00
#
_symmetry.space_group_name_H-M   'P 21 21 21'
#
loop_
_entity.id
_entity.type
_entity.pdbx_description
1 polymer 'Cyclin-dependent kinase 2'
2 non-polymer '4-[[6-(cyclohexylmethoxy)-7~{H}-purin-2-yl]amino]benzenesulfonyl fluoride'
3 water water
#
_entity_poly.entity_id   1
_entity_poly.type   'polypeptide(L)'
_entity_poly.pdbx_seq_one_letter_code
;SMENFQKVEKIGEGTYGVVYKARNKLTGEVVALKKIRLDTETEGVPSTAIREISLLKELNHPNIVKLLDVIHTENKLYLV
FEFLHQDLKKFMDASALTGIPLPLIKSYLFQLLQGLAFCHSHRVLHRDLKPQNLLINTEGAIKLADFGLARAFGVPVRTY
THEVVTLWYRAPEILLGCKYYSTAVDIWSLGCIFAEMVTRRALFPGDSEIDQLFRIFRTLGTPDEVVWPGVTSMPDYKPS
FPKWARQDFSKVVPPLDEDGRSLLSQMLHYDPNKRISAKAALAHPFFQDVTKPVPHLRL
;
_entity_poly.pdbx_strand_id   A
#
loop_
_chem_comp.id
_chem_comp.type
_chem_comp.name
_chem_comp.formula
A1IE9 non-polymer '4-[[6-(cyclohexylmethoxy)-7~{H}-purin-2-yl]amino]benzenesulfonyl fluoride' 'C18 H20 F N5 O3 S'
#
# COMPACT_ATOMS: atom_id res chain seq x y z
N GLU A 3 2.87 29.35 10.75
CA GLU A 3 3.56 30.04 11.87
C GLU A 3 4.96 29.45 12.03
N ASN A 4 5.02 28.21 12.53
CA ASN A 4 6.25 27.57 12.97
C ASN A 4 6.99 26.89 11.83
N PHE A 5 6.39 26.79 10.64
CA PHE A 5 6.96 25.97 9.58
C PHE A 5 7.19 26.80 8.34
N GLN A 6 8.40 26.66 7.82
CA GLN A 6 8.75 27.26 6.54
C GLN A 6 8.57 26.18 5.48
N LYS A 7 7.71 26.46 4.50
CA LYS A 7 7.51 25.56 3.38
C LYS A 7 8.76 25.59 2.53
N VAL A 8 9.17 24.43 2.01
CA VAL A 8 10.33 24.33 1.15
C VAL A 8 9.85 24.00 -0.26
N GLU A 9 8.96 23.02 -0.38
CA GLU A 9 8.42 22.70 -1.69
C GLU A 9 7.21 21.82 -1.50
N LYS A 10 6.32 21.86 -2.48
CA LYS A 10 5.17 20.99 -2.51
C LYS A 10 5.66 19.63 -2.94
N ILE A 11 5.36 18.59 -2.14
CA ILE A 11 5.73 17.24 -2.52
C ILE A 11 4.66 16.66 -3.42
N GLY A 12 3.39 16.88 -3.10
CA GLY A 12 2.34 16.37 -3.95
C GLY A 12 0.97 16.58 -3.35
N GLU A 13 -0.02 15.92 -3.96
CA GLU A 13 -1.41 16.14 -3.52
C GLU A 13 -1.98 14.79 -3.09
N GLY A 14 -2.26 14.67 -1.81
CA GLY A 14 -2.86 13.44 -1.29
C GLY A 14 -4.37 13.45 -1.36
N THR A 15 -4.98 12.40 -0.84
CA THR A 15 -6.46 12.29 -0.86
C THR A 15 -7.07 13.32 0.09
N TYR A 16 -6.30 13.78 1.07
CA TYR A 16 -6.89 14.68 2.10
C TYR A 16 -6.36 16.09 1.95
N GLY A 17 -5.33 16.28 1.13
CA GLY A 17 -4.84 17.64 0.89
C GLY A 17 -3.40 17.71 0.41
N VAL A 18 -2.85 18.91 0.38
CA VAL A 18 -1.48 19.10 -0.13
C VAL A 18 -0.44 18.67 0.90
N VAL A 19 0.69 18.16 0.41
CA VAL A 19 1.81 17.74 1.26
C VAL A 19 3.03 18.56 0.87
N TYR A 20 3.62 19.22 1.87
CA TYR A 20 4.78 20.06 1.68
C TYR A 20 5.96 19.46 2.44
N LYS A 21 7.15 19.66 1.89
CA LYS A 21 8.37 19.56 2.64
C LYS A 21 8.51 20.91 3.36
N ALA A 22 8.80 20.84 4.65
CA ALA A 22 8.84 22.02 5.50
C ALA A 22 9.93 21.91 6.54
N ARG A 23 10.36 23.06 7.07
CA ARG A 23 11.33 23.07 8.15
C ARG A 23 10.71 23.76 9.37
N ASN A 24 10.86 23.12 10.52
CA ASN A 24 10.43 23.70 11.78
C ASN A 24 11.38 24.84 12.10
N LYS A 25 10.87 26.09 12.10
CA LYS A 25 11.71 27.26 12.32
C LYS A 25 12.34 27.24 13.73
N LEU A 26 11.73 26.50 14.67
CA LEU A 26 12.21 26.46 16.04
C LEU A 26 13.32 25.42 16.21
N THR A 27 13.07 24.18 15.79
CA THR A 27 13.99 23.07 16.02
C THR A 27 14.93 22.81 14.85
N GLY A 28 14.61 23.33 13.65
CA GLY A 28 15.39 23.03 12.45
C GLY A 28 15.08 21.66 11.83
N GLU A 29 14.17 20.90 12.46
CA GLU A 29 13.74 19.61 11.95
C GLU A 29 13.08 19.79 10.57
N VAL A 30 13.39 18.89 9.63
CA VAL A 30 12.82 18.89 8.29
C VAL A 30 11.75 17.81 8.32
N VAL A 31 10.55 18.13 7.85
CA VAL A 31 9.37 17.30 8.02
C VAL A 31 8.52 17.35 6.74
N ALA A 32 7.55 16.42 6.69
CA ALA A 32 6.47 16.48 5.72
C ALA A 32 5.23 17.02 6.44
N LEU A 33 4.62 18.04 5.85
CA LEU A 33 3.47 18.68 6.46
C LEU A 33 2.27 18.43 5.56
N LYS A 34 1.23 17.83 6.12
CA LYS A 34 0.01 17.53 5.38
C LYS A 34 -1.14 18.35 5.94
N LYS A 35 -1.72 19.14 5.04
CA LYS A 35 -2.85 19.99 5.32
C LYS A 35 -4.09 19.19 4.96
N ILE A 36 -4.96 18.92 5.95
CA ILE A 36 -6.12 18.06 5.72
C ILE A 36 -7.32 18.98 5.43
N ARG A 37 -7.94 18.81 4.25
CA ARG A 37 -8.74 19.89 3.65
C ARG A 37 -10.12 20.00 4.32
N PRO A 46 -14.18 17.62 12.86
CA PRO A 46 -14.92 16.52 13.49
C PRO A 46 -14.07 15.85 14.58
N SER A 47 -14.60 15.84 15.81
CA SER A 47 -13.86 15.39 16.98
C SER A 47 -13.57 13.89 16.90
N THR A 48 -14.47 13.11 16.28
CA THR A 48 -14.18 11.73 15.93
C THR A 48 -12.80 11.61 15.27
N ALA A 49 -12.54 12.45 14.27
CA ALA A 49 -11.32 12.32 13.48
C ALA A 49 -10.11 12.73 14.34
N ILE A 50 -10.26 13.77 15.16
CA ILE A 50 -9.22 14.17 16.10
C ILE A 50 -8.80 13.03 17.03
N ARG A 51 -9.75 12.36 17.69
CA ARG A 51 -9.39 11.27 18.58
C ARG A 51 -8.72 10.11 17.82
N GLU A 52 -9.19 9.81 16.61
CA GLU A 52 -8.66 8.66 15.91
C GLU A 52 -7.21 8.96 15.52
N ILE A 53 -6.99 10.16 14.99
CA ILE A 53 -5.66 10.56 14.56
C ILE A 53 -4.70 10.55 15.74
N SER A 54 -5.17 10.99 16.93
CA SER A 54 -4.31 11.11 18.10
C SER A 54 -3.77 9.76 18.54
N LEU A 55 -4.61 8.72 18.47
CA LEU A 55 -4.23 7.35 18.72
C LEU A 55 -3.07 6.95 17.79
N LEU A 56 -3.06 7.43 16.53
CA LEU A 56 -2.05 6.99 15.57
C LEU A 56 -0.66 7.48 15.96
N LYS A 57 -0.59 8.53 16.79
CA LYS A 57 0.69 9.03 17.24
C LYS A 57 1.46 7.99 18.05
N GLU A 58 0.74 6.99 18.59
CA GLU A 58 1.40 5.99 19.41
C GLU A 58 1.85 4.77 18.61
N LEU A 59 1.45 4.69 17.33
CA LEU A 59 1.68 3.54 16.48
C LEU A 59 3.05 3.69 15.83
N ASN A 60 4.11 3.27 16.56
CA ASN A 60 5.48 3.54 16.18
C ASN A 60 6.21 2.25 15.85
N HIS A 61 6.75 2.20 14.62
CA HIS A 61 7.49 1.04 14.14
C HIS A 61 8.49 1.54 13.11
N PRO A 62 9.63 0.87 12.93
CA PRO A 62 10.64 1.36 12.00
C PRO A 62 10.24 1.34 10.53
N ASN A 63 9.22 0.54 10.18
CA ASN A 63 8.70 0.53 8.81
C ASN A 63 7.40 1.31 8.66
N ILE A 64 7.06 2.17 9.64
CA ILE A 64 5.92 3.05 9.53
C ILE A 64 6.41 4.49 9.66
N VAL A 65 6.02 5.35 8.73
CA VAL A 65 6.46 6.73 8.75
C VAL A 65 5.92 7.36 10.04
N LYS A 66 6.81 7.96 10.85
CA LYS A 66 6.36 8.43 12.15
C LYS A 66 5.48 9.68 12.04
N LEU A 67 4.34 9.65 12.74
CA LEU A 67 3.51 10.84 12.92
C LEU A 67 4.03 11.64 14.11
N LEU A 68 4.56 12.83 13.84
CA LEU A 68 5.27 13.63 14.83
C LEU A 68 4.28 14.48 15.62
N ASP A 69 3.25 15.02 14.96
CA ASP A 69 2.28 15.81 15.68
C ASP A 69 1.06 16.11 14.83
N VAL A 70 -0.02 16.43 15.55
CA VAL A 70 -1.30 16.77 14.98
C VAL A 70 -1.61 18.20 15.44
N ILE A 71 -1.91 19.09 14.48
CA ILE A 71 -2.25 20.46 14.84
C ILE A 71 -3.58 20.87 14.21
N HIS A 72 -4.58 21.13 15.07
CA HIS A 72 -5.85 21.72 14.66
C HIS A 72 -5.82 23.20 15.04
N THR A 73 -6.02 24.11 14.09
CA THR A 73 -6.22 25.52 14.42
C THR A 73 -7.09 26.16 13.35
N GLU A 74 -8.20 26.76 13.79
CA GLU A 74 -9.01 27.65 12.99
C GLU A 74 -9.59 26.88 11.81
N ASN A 75 -10.32 25.80 12.12
CA ASN A 75 -10.89 24.92 11.12
C ASN A 75 -9.80 24.51 10.12
N LYS A 76 -8.61 24.20 10.66
CA LYS A 76 -7.52 23.68 9.86
C LYS A 76 -6.84 22.56 10.65
N LEU A 77 -6.52 21.45 9.95
CA LEU A 77 -5.85 20.33 10.56
C LEU A 77 -4.56 20.05 9.78
N TYR A 78 -3.47 19.99 10.52
CA TYR A 78 -2.16 19.73 9.94
C TYR A 78 -1.56 18.49 10.60
N LEU A 79 -1.01 17.60 9.77
CA LEU A 79 -0.29 16.45 10.28
C LEU A 79 1.18 16.65 9.94
N VAL A 80 2.03 16.46 10.94
CA VAL A 80 3.47 16.55 10.81
C VAL A 80 4.06 15.15 10.87
N PHE A 81 4.75 14.81 9.79
CA PHE A 81 5.36 13.50 9.64
C PHE A 81 6.87 13.60 9.46
N GLU A 82 7.54 12.50 9.81
CA GLU A 82 8.88 12.18 9.36
C GLU A 82 8.97 12.33 7.84
N PHE A 83 10.01 13.01 7.38
CA PHE A 83 10.32 13.18 5.96
C PHE A 83 11.26 12.09 5.46
N LEU A 84 10.92 11.44 4.33
CA LEU A 84 11.85 10.60 3.59
C LEU A 84 12.11 11.19 2.21
N HIS A 85 13.23 10.79 1.57
CA HIS A 85 13.68 11.52 0.40
C HIS A 85 13.19 11.02 -0.93
N GLN A 86 12.54 9.83 -0.99
CA GLN A 86 12.04 9.40 -2.28
C GLN A 86 10.90 8.42 -2.04
N ASP A 87 10.00 8.34 -3.00
CA ASP A 87 8.92 7.35 -2.96
C ASP A 87 9.22 6.20 -3.92
N LEU A 88 8.47 5.11 -3.76
CA LEU A 88 8.72 3.90 -4.53
C LEU A 88 8.39 4.12 -6.00
N LYS A 89 7.38 4.95 -6.28
CA LYS A 89 7.03 5.25 -7.65
C LYS A 89 8.20 5.86 -8.41
N LYS A 90 8.87 6.87 -7.81
CA LYS A 90 9.97 7.51 -8.48
C LYS A 90 11.13 6.54 -8.63
N PHE A 91 11.39 5.71 -7.61
CA PHE A 91 12.43 4.71 -7.65
C PHE A 91 12.16 3.65 -8.74
N MET A 92 10.93 3.15 -8.82
CA MET A 92 10.57 2.22 -9.88
C MET A 92 10.81 2.83 -11.26
N ASP A 93 10.38 4.07 -11.43
CA ASP A 93 10.53 4.76 -12.72
C ASP A 93 12.00 4.91 -13.07
N ALA A 94 12.84 5.23 -12.07
CA ALA A 94 14.28 5.40 -12.25
C ALA A 94 14.97 4.07 -12.52
N SER A 95 14.34 2.97 -12.09
CA SER A 95 14.91 1.65 -12.26
C SER A 95 14.32 0.91 -13.46
N ALA A 96 13.55 1.62 -14.29
CA ALA A 96 12.66 1.02 -15.29
C ALA A 96 13.43 0.29 -16.39
N LEU A 97 14.63 0.76 -16.77
CA LEU A 97 15.35 0.17 -17.90
C LEU A 97 16.07 -1.10 -17.42
N THR A 98 16.40 -1.08 -16.14
CA THR A 98 17.26 -2.07 -15.52
C THR A 98 16.45 -3.06 -14.69
N GLY A 99 15.38 -2.59 -14.05
CA GLY A 99 14.70 -3.37 -13.03
C GLY A 99 15.38 -3.26 -11.67
N ILE A 100 14.56 -3.21 -10.62
CA ILE A 100 15.09 -3.33 -9.26
C ILE A 100 15.62 -4.74 -9.08
N PRO A 101 16.86 -4.92 -8.57
CA PRO A 101 17.40 -6.25 -8.33
C PRO A 101 16.51 -7.04 -7.38
N LEU A 102 16.34 -8.34 -7.66
CA LEU A 102 15.49 -9.17 -6.85
C LEU A 102 15.85 -9.09 -5.36
N PRO A 103 17.12 -9.06 -4.90
CA PRO A 103 17.37 -9.01 -3.46
C PRO A 103 16.80 -7.74 -2.81
N LEU A 104 16.69 -6.65 -3.57
CA LEU A 104 16.14 -5.40 -3.04
C LEU A 104 14.60 -5.43 -3.06
N ILE A 105 14.02 -5.98 -4.11
CA ILE A 105 12.57 -6.25 -4.12
C ILE A 105 12.19 -7.03 -2.88
N LYS A 106 12.97 -8.08 -2.58
CA LYS A 106 12.67 -9.02 -1.52
C LYS A 106 12.82 -8.32 -0.17
N SER A 107 13.90 -7.53 -0.01
CA SER A 107 14.10 -6.72 1.19
C SER A 107 12.93 -5.77 1.44
N TYR A 108 12.51 -5.08 0.38
CA TYR A 108 11.44 -4.13 0.51
C TYR A 108 10.12 -4.84 0.88
N LEU A 109 9.82 -5.94 0.21
CA LEU A 109 8.59 -6.67 0.54
C LEU A 109 8.58 -7.10 2.00
N PHE A 110 9.70 -7.68 2.45
CA PHE A 110 9.81 -8.16 3.80
C PHE A 110 9.57 -7.06 4.80
N GLN A 111 10.19 -5.89 4.55
CA GLN A 111 10.03 -4.78 5.47
C GLN A 111 8.58 -4.29 5.46
N LEU A 112 7.95 -4.23 4.26
CA LEU A 112 6.57 -3.74 4.24
C LEU A 112 5.63 -4.71 4.96
N LEU A 113 5.88 -6.01 4.81
CA LEU A 113 5.12 -7.00 5.55
C LEU A 113 5.36 -6.83 7.04
N GLN A 114 6.58 -6.46 7.50
CA GLN A 114 6.76 -6.23 8.93
C GLN A 114 5.92 -5.06 9.43
N GLY A 115 5.89 -3.95 8.65
CA GLY A 115 5.03 -2.82 8.87
C GLY A 115 3.55 -3.19 8.97
N LEU A 116 3.06 -3.93 7.97
CA LEU A 116 1.69 -4.38 7.98
C LEU A 116 1.42 -5.23 9.21
N ALA A 117 2.28 -6.22 9.48
CA ALA A 117 2.10 -7.10 10.62
C ALA A 117 1.91 -6.29 11.90
N PHE A 118 2.76 -5.28 12.11
CA PHE A 118 2.65 -4.42 13.27
C PHE A 118 1.31 -3.68 13.31
N CYS A 119 0.93 -2.99 12.25
CA CYS A 119 -0.30 -2.21 12.31
C CYS A 119 -1.51 -3.12 12.48
N HIS A 120 -1.51 -4.23 11.75
CA HIS A 120 -2.61 -5.18 11.78
C HIS A 120 -2.79 -5.76 13.18
N SER A 121 -1.68 -6.01 13.90
CA SER A 121 -1.73 -6.51 15.28
C SER A 121 -2.38 -5.49 16.21
N HIS A 122 -2.34 -4.21 15.87
CA HIS A 122 -3.01 -3.16 16.61
C HIS A 122 -4.38 -2.79 16.02
N ARG A 123 -4.92 -3.66 15.14
CA ARG A 123 -6.19 -3.47 14.47
C ARG A 123 -6.26 -2.16 13.67
N VAL A 124 -5.13 -1.72 13.09
CA VAL A 124 -5.11 -0.55 12.23
C VAL A 124 -4.88 -1.00 10.79
N LEU A 125 -5.73 -0.57 9.85
CA LEU A 125 -5.56 -0.83 8.43
C LEU A 125 -5.05 0.43 7.71
N HIS A 126 -4.43 0.20 6.55
CA HIS A 126 -4.10 1.31 5.68
C HIS A 126 -5.28 1.63 4.76
N ARG A 127 -5.68 0.63 3.97
CA ARG A 127 -6.78 0.68 3.02
C ARG A 127 -6.47 1.39 1.68
N ASP A 128 -5.38 2.11 1.53
CA ASP A 128 -5.06 2.79 0.28
C ASP A 128 -3.56 2.76 -0.04
N LEU A 129 -2.95 1.57 0.10
CA LEU A 129 -1.54 1.42 -0.26
C LEU A 129 -1.30 1.61 -1.75
N LYS A 130 -0.20 2.27 -2.10
CA LYS A 130 0.14 2.54 -3.50
C LYS A 130 1.60 2.97 -3.51
N PRO A 131 2.31 2.87 -4.65
CA PRO A 131 3.72 3.22 -4.67
C PRO A 131 4.03 4.60 -4.11
N GLN A 132 3.11 5.56 -4.30
CA GLN A 132 3.35 6.93 -3.82
C GLN A 132 3.29 7.06 -2.30
N ASN A 133 2.81 6.09 -1.56
CA ASN A 133 2.84 6.21 -0.11
C ASN A 133 3.76 5.19 0.51
N LEU A 134 4.62 4.59 -0.32
CA LEU A 134 5.73 3.80 0.21
C LEU A 134 7.03 4.58 -0.01
N LEU A 135 7.76 4.85 1.08
CA LEU A 135 8.83 5.82 1.06
C LEU A 135 10.16 5.17 1.45
N ILE A 136 11.24 5.58 0.79
CA ILE A 136 12.53 4.92 0.94
C ILE A 136 13.58 5.96 1.37
N ASN A 137 14.64 5.41 1.94
CA ASN A 137 15.79 6.23 2.32
C ASN A 137 17.07 5.58 1.82
N THR A 138 18.19 6.27 2.09
CA THR A 138 19.48 5.87 1.58
C THR A 138 20.04 4.65 2.30
N GLU A 139 19.46 4.22 3.43
CA GLU A 139 20.03 3.17 4.25
C GLU A 139 19.39 1.81 3.95
N GLY A 140 18.61 1.75 2.88
CA GLY A 140 17.90 0.54 2.48
C GLY A 140 16.56 0.30 3.17
N ALA A 141 16.00 1.27 3.88
CA ALA A 141 14.72 1.13 4.55
C ALA A 141 13.60 1.55 3.59
N ILE A 142 12.44 0.90 3.78
CA ILE A 142 11.20 1.34 3.16
C ILE A 142 10.12 1.42 4.25
N LYS A 143 9.23 2.42 4.17
CA LYS A 143 8.28 2.72 5.22
C LYS A 143 6.91 3.08 4.60
N LEU A 144 5.86 2.67 5.31
CA LEU A 144 4.49 2.97 4.91
C LEU A 144 4.01 4.30 5.50
N ALA A 145 3.50 5.19 4.62
CA ALA A 145 2.95 6.48 5.02
C ALA A 145 1.42 6.41 4.97
N ASP A 146 0.78 7.13 5.91
CA ASP A 146 -0.67 7.36 5.99
C ASP A 146 -1.47 6.17 6.49
N PHE A 147 -0.89 5.23 7.28
CA PHE A 147 -1.71 4.23 7.93
C PHE A 147 -2.76 4.90 8.78
N GLY A 148 -3.96 4.32 8.79
CA GLY A 148 -5.05 4.72 9.66
C GLY A 148 -5.83 5.95 9.18
N LEU A 149 -5.32 6.69 8.20
CA LEU A 149 -5.94 7.94 7.77
C LEU A 149 -7.28 7.70 7.08
N ALA A 150 -7.39 6.63 6.27
CA ALA A 150 -8.67 6.37 5.63
C ALA A 150 -9.79 6.15 6.66
N ARG A 151 -9.50 5.41 7.73
CA ARG A 151 -10.50 5.15 8.76
C ARG A 151 -10.84 6.44 9.52
N ALA A 152 -9.81 7.25 9.78
CA ALA A 152 -9.95 8.45 10.60
C ALA A 152 -10.80 9.49 9.88
N PHE A 153 -10.59 9.64 8.57
CA PHE A 153 -11.23 10.72 7.82
C PHE A 153 -12.39 10.23 6.97
N GLY A 154 -12.61 8.91 6.90
CA GLY A 154 -13.71 8.35 6.12
C GLY A 154 -13.25 7.96 4.71
N VAL A 164 -7.58 12.08 -9.97
CA VAL A 164 -8.43 10.87 -9.75
C VAL A 164 -7.72 9.98 -8.74
N VAL A 165 -8.48 9.39 -7.80
CA VAL A 165 -7.87 8.47 -6.85
C VAL A 165 -7.62 7.14 -7.59
N THR A 166 -6.45 6.51 -7.39
CA THR A 166 -6.12 5.31 -8.13
C THR A 166 -6.87 4.09 -7.59
N LEU A 167 -7.34 3.24 -8.51
CA LEU A 167 -8.10 2.04 -8.15
C LEU A 167 -7.22 0.81 -8.24
N TRP A 168 -5.99 0.97 -8.71
CA TRP A 168 -5.16 -0.08 -9.26
C TRP A 168 -4.81 -1.13 -8.20
N TYR A 169 -4.82 -0.71 -6.94
CA TYR A 169 -4.42 -1.55 -5.82
C TYR A 169 -5.60 -1.98 -4.94
N ARG A 170 -6.82 -1.72 -5.38
CA ARG A 170 -8.02 -1.97 -4.59
C ARG A 170 -8.39 -3.45 -4.61
N ALA A 171 -8.56 -4.06 -3.42
CA ALA A 171 -8.99 -5.43 -3.26
C ALA A 171 -10.39 -5.66 -3.83
N PRO A 172 -10.65 -6.89 -4.36
CA PRO A 172 -11.94 -7.17 -5.03
C PRO A 172 -13.14 -7.05 -4.10
N GLU A 173 -12.99 -7.38 -2.82
CA GLU A 173 -14.11 -7.27 -1.90
C GLU A 173 -14.56 -5.80 -1.73
N ILE A 174 -13.64 -4.84 -1.85
CA ILE A 174 -13.99 -3.44 -1.80
C ILE A 174 -14.76 -3.07 -3.05
N LEU A 175 -14.28 -3.55 -4.21
CA LEU A 175 -14.93 -3.24 -5.48
C LEU A 175 -16.33 -3.88 -5.55
N LEU A 176 -16.53 -5.01 -4.86
CA LEU A 176 -17.83 -5.69 -4.85
C LEU A 176 -18.77 -5.21 -3.75
N GLY A 177 -18.35 -4.18 -3.03
CA GLY A 177 -19.25 -3.42 -2.19
C GLY A 177 -19.30 -3.93 -0.76
N CYS A 178 -18.29 -4.68 -0.34
CA CYS A 178 -18.24 -5.11 1.08
C CYS A 178 -18.11 -3.84 1.94
N LYS A 179 -18.86 -3.79 3.04
CA LYS A 179 -18.82 -2.59 3.91
C LYS A 179 -17.77 -2.79 5.02
N TYR A 180 -17.47 -4.04 5.33
CA TYR A 180 -16.49 -4.33 6.41
C TYR A 180 -15.15 -4.73 5.80
N TYR A 181 -14.17 -3.84 5.94
CA TYR A 181 -12.81 -4.11 5.40
C TYR A 181 -12.01 -4.88 6.42
N SER A 182 -11.29 -5.89 5.95
CA SER A 182 -10.38 -6.61 6.84
C SER A 182 -8.93 -6.28 6.50
N THR A 183 -8.05 -6.73 7.36
CA THR A 183 -6.60 -6.61 7.12
C THR A 183 -6.19 -7.14 5.76
N ALA A 184 -6.92 -8.10 5.22
CA ALA A 184 -6.63 -8.66 3.91
C ALA A 184 -6.59 -7.60 2.79
N VAL A 185 -7.27 -6.46 2.93
CA VAL A 185 -7.28 -5.50 1.82
C VAL A 185 -5.86 -4.98 1.60
N ASP A 186 -5.05 -4.90 2.67
CA ASP A 186 -3.70 -4.35 2.58
C ASP A 186 -2.75 -5.38 1.95
N ILE A 187 -2.95 -6.67 2.24
CA ILE A 187 -2.19 -7.73 1.62
C ILE A 187 -2.41 -7.74 0.10
N TRP A 188 -3.67 -7.58 -0.32
CA TRP A 188 -3.95 -7.51 -1.75
C TRP A 188 -3.14 -6.38 -2.38
N SER A 189 -3.24 -5.17 -1.83
CA SER A 189 -2.56 -4.01 -2.38
C SER A 189 -1.06 -4.29 -2.47
N LEU A 190 -0.47 -4.83 -1.39
CA LEU A 190 0.94 -5.08 -1.43
C LEU A 190 1.33 -6.17 -2.43
N GLY A 191 0.48 -7.19 -2.64
CA GLY A 191 0.73 -8.12 -3.71
C GLY A 191 0.77 -7.46 -5.09
N CYS A 192 -0.15 -6.55 -5.31
CA CYS A 192 -0.16 -5.80 -6.57
C CYS A 192 1.11 -4.98 -6.74
N ILE A 193 1.61 -4.41 -5.64
CA ILE A 193 2.87 -3.65 -5.69
C ILE A 193 4.06 -4.56 -5.95
N PHE A 194 4.13 -5.71 -5.26
CA PHE A 194 5.17 -6.71 -5.48
C PHE A 194 5.26 -7.05 -6.97
N ALA A 195 4.13 -7.40 -7.58
CA ALA A 195 4.08 -7.73 -9.00
C ALA A 195 4.63 -6.59 -9.87
N GLU A 196 4.28 -5.36 -9.54
CA GLU A 196 4.73 -4.18 -10.28
C GLU A 196 6.23 -3.94 -10.15
N MET A 197 6.83 -4.19 -8.96
CA MET A 197 8.28 -4.12 -8.79
C MET A 197 8.99 -5.14 -9.69
N VAL A 198 8.39 -6.34 -9.81
CA VAL A 198 8.99 -7.43 -10.55
C VAL A 198 8.87 -7.20 -12.06
N THR A 199 7.69 -6.79 -12.53
CA THR A 199 7.43 -6.73 -13.96
C THR A 199 7.76 -5.37 -14.56
N ARG A 200 7.82 -4.32 -13.73
CA ARG A 200 7.96 -2.93 -14.13
C ARG A 200 6.74 -2.46 -14.90
N ARG A 201 5.57 -3.05 -14.63
CA ARG A 201 4.33 -2.50 -15.09
C ARG A 201 3.24 -2.80 -14.07
N ALA A 202 2.26 -1.90 -13.98
CA ALA A 202 1.15 -2.11 -13.07
C ALA A 202 0.43 -3.41 -13.44
N LEU A 203 0.01 -4.18 -12.42
CA LEU A 203 -0.65 -5.46 -12.63
C LEU A 203 -2.08 -5.28 -13.17
N PHE A 204 -2.86 -4.43 -12.53
CA PHE A 204 -4.26 -4.20 -12.82
C PHE A 204 -4.53 -2.72 -12.95
N PRO A 205 -4.16 -2.05 -14.05
CA PRO A 205 -4.36 -0.61 -14.12
C PRO A 205 -5.74 -0.17 -14.65
N GLY A 206 -6.76 -0.42 -13.87
CA GLY A 206 -8.12 -0.02 -14.20
C GLY A 206 -8.33 1.49 -14.21
N ASP A 207 -9.29 1.92 -15.03
CA ASP A 207 -9.55 3.35 -15.06
C ASP A 207 -11.00 3.64 -14.70
N SER A 208 -11.70 2.64 -14.17
CA SER A 208 -13.03 2.73 -13.61
C SER A 208 -13.18 1.54 -12.67
N GLU A 209 -14.21 1.56 -11.81
CA GLU A 209 -14.40 0.46 -10.89
C GLU A 209 -14.66 -0.83 -11.67
N ILE A 210 -15.44 -0.76 -12.77
CA ILE A 210 -15.76 -2.01 -13.45
C ILE A 210 -14.56 -2.48 -14.26
N ASP A 211 -13.80 -1.54 -14.84
CA ASP A 211 -12.62 -1.88 -15.58
C ASP A 211 -11.58 -2.53 -14.65
N GLN A 212 -11.51 -2.02 -13.41
CA GLN A 212 -10.62 -2.62 -12.39
C GLN A 212 -11.03 -4.05 -12.05
N LEU A 213 -12.32 -4.24 -11.75
CA LEU A 213 -12.84 -5.57 -11.46
C LEU A 213 -12.63 -6.54 -12.63
N PHE A 214 -12.95 -6.09 -13.89
CA PHE A 214 -12.81 -6.98 -15.02
C PHE A 214 -11.35 -7.27 -15.37
N ARG A 215 -10.42 -6.34 -15.09
CA ARG A 215 -9.00 -6.66 -15.27
C ARG A 215 -8.55 -7.72 -14.27
N ILE A 216 -9.05 -7.65 -13.06
CA ILE A 216 -8.75 -8.71 -12.07
C ILE A 216 -9.33 -10.03 -12.55
N PHE A 217 -10.59 -10.02 -13.04
CA PHE A 217 -11.19 -11.28 -13.45
C PHE A 217 -10.50 -11.87 -14.66
N ARG A 218 -10.00 -11.02 -15.57
CA ARG A 218 -9.37 -11.48 -16.80
C ARG A 218 -8.09 -12.22 -16.48
N THR A 219 -7.46 -11.87 -15.35
CA THR A 219 -6.20 -12.51 -14.97
C THR A 219 -6.40 -13.68 -14.04
N LEU A 220 -7.21 -13.51 -13.00
CA LEU A 220 -7.32 -14.50 -11.94
C LEU A 220 -8.54 -15.40 -12.13
N GLY A 221 -9.36 -15.11 -13.17
CA GLY A 221 -10.60 -15.84 -13.41
C GLY A 221 -11.76 -15.15 -12.69
N THR A 222 -12.95 -15.16 -13.30
CA THR A 222 -14.11 -14.63 -12.63
C THR A 222 -14.38 -15.46 -11.39
N PRO A 223 -14.51 -14.85 -10.19
CA PRO A 223 -14.70 -15.63 -8.99
C PRO A 223 -16.11 -16.23 -8.95
N ASP A 224 -16.21 -17.35 -8.24
CA ASP A 224 -17.46 -18.07 -8.06
C ASP A 224 -17.52 -18.63 -6.65
N GLU A 225 -18.60 -19.37 -6.35
CA GLU A 225 -18.80 -19.88 -5.01
C GLU A 225 -17.80 -20.97 -4.66
N VAL A 226 -17.17 -21.57 -5.66
CA VAL A 226 -16.16 -22.58 -5.36
C VAL A 226 -14.93 -21.92 -4.73
N VAL A 227 -14.38 -20.91 -5.39
CA VAL A 227 -13.15 -20.28 -4.93
C VAL A 227 -13.41 -19.22 -3.86
N TRP A 228 -14.65 -18.68 -3.78
CA TRP A 228 -14.95 -17.57 -2.88
C TRP A 228 -16.39 -17.70 -2.38
N PRO A 229 -16.58 -18.55 -1.35
CA PRO A 229 -17.91 -18.77 -0.80
C PRO A 229 -18.46 -17.43 -0.34
N GLY A 230 -19.72 -17.18 -0.76
CA GLY A 230 -20.39 -15.93 -0.45
C GLY A 230 -20.27 -14.85 -1.52
N VAL A 231 -19.39 -15.00 -2.52
CA VAL A 231 -19.11 -13.92 -3.45
C VAL A 231 -20.40 -13.50 -4.16
N THR A 232 -21.27 -14.48 -4.46
CA THR A 232 -22.41 -14.17 -5.32
C THR A 232 -23.50 -13.42 -4.55
N SER A 233 -23.37 -13.30 -3.24
CA SER A 233 -24.32 -12.54 -2.44
C SER A 233 -23.78 -11.15 -2.10
N MET A 234 -22.64 -10.76 -2.67
CA MET A 234 -22.06 -9.48 -2.30
C MET A 234 -22.83 -8.34 -2.94
N PRO A 235 -22.84 -7.14 -2.32
CA PRO A 235 -23.71 -6.06 -2.79
C PRO A 235 -23.66 -5.74 -4.28
N ASP A 236 -22.47 -5.68 -4.87
CA ASP A 236 -22.35 -5.24 -6.24
C ASP A 236 -22.04 -6.40 -7.19
N TYR A 237 -22.19 -7.64 -6.70
CA TYR A 237 -22.04 -8.79 -7.54
C TYR A 237 -23.20 -8.86 -8.50
N LYS A 238 -22.89 -9.13 -9.78
CA LYS A 238 -23.92 -9.29 -10.79
C LYS A 238 -23.74 -10.63 -11.47
N PRO A 239 -24.81 -11.46 -11.56
CA PRO A 239 -24.75 -12.72 -12.27
C PRO A 239 -24.36 -12.58 -13.73
N SER A 240 -24.52 -11.37 -14.27
CA SER A 240 -24.22 -11.10 -15.65
C SER A 240 -22.72 -10.84 -15.91
N PHE A 241 -21.90 -10.85 -14.86
CA PHE A 241 -20.47 -10.66 -15.08
C PHE A 241 -19.97 -11.70 -16.07
N PRO A 242 -19.11 -11.31 -17.02
CA PRO A 242 -18.51 -12.29 -17.92
C PRO A 242 -17.69 -13.29 -17.11
N LYS A 243 -17.61 -14.52 -17.64
CA LYS A 243 -16.93 -15.62 -16.96
C LYS A 243 -15.62 -15.89 -17.71
N TRP A 244 -14.52 -15.35 -17.18
CA TRP A 244 -13.20 -15.55 -17.74
C TRP A 244 -12.50 -16.67 -16.99
N ALA A 245 -11.72 -17.48 -17.73
CA ALA A 245 -10.89 -18.49 -17.07
C ALA A 245 -9.63 -17.85 -16.52
N ARG A 246 -9.11 -18.43 -15.43
CA ARG A 246 -7.89 -17.97 -14.81
C ARG A 246 -6.68 -18.24 -15.72
N GLN A 247 -5.72 -17.32 -15.72
CA GLN A 247 -4.46 -17.52 -16.45
C GLN A 247 -3.44 -18.10 -15.45
N ASP A 248 -2.27 -18.54 -15.90
CA ASP A 248 -1.20 -19.04 -14.99
C ASP A 248 -0.31 -17.90 -14.51
N PHE A 249 0.11 -17.94 -13.25
CA PHE A 249 1.03 -16.92 -12.67
C PHE A 249 2.34 -16.86 -13.47
N SER A 250 2.70 -17.96 -14.12
CA SER A 250 3.91 -18.00 -14.97
C SER A 250 3.82 -16.88 -16.01
N LYS A 251 2.61 -16.60 -16.47
CA LYS A 251 2.37 -15.59 -17.51
C LYS A 251 2.25 -14.19 -16.88
N VAL A 252 1.92 -14.15 -15.58
CA VAL A 252 1.54 -12.92 -14.89
C VAL A 252 2.77 -12.14 -14.40
N VAL A 253 3.77 -12.82 -13.81
CA VAL A 253 4.91 -12.10 -13.28
C VAL A 253 6.20 -12.75 -13.76
N PRO A 254 6.31 -13.08 -15.07
CA PRO A 254 7.13 -14.17 -15.55
C PRO A 254 8.46 -14.37 -14.89
N PRO A 255 9.36 -13.35 -14.91
CA PRO A 255 10.73 -13.66 -14.53
C PRO A 255 10.73 -14.39 -13.19
N LEU A 256 9.75 -14.08 -12.32
CA LEU A 256 9.82 -14.39 -10.90
C LEU A 256 9.84 -15.91 -10.66
N ASP A 257 10.71 -16.32 -9.73
CA ASP A 257 10.88 -17.72 -9.36
C ASP A 257 9.67 -18.29 -8.62
N GLU A 258 9.68 -19.62 -8.43
CA GLU A 258 8.52 -20.31 -7.94
C GLU A 258 8.21 -19.93 -6.50
N ASP A 259 9.20 -19.59 -5.67
CA ASP A 259 8.89 -19.14 -4.31
C ASP A 259 8.12 -17.80 -4.36
N GLY A 260 8.64 -16.86 -5.17
CA GLY A 260 7.98 -15.58 -5.37
C GLY A 260 6.53 -15.75 -5.84
N ARG A 261 6.35 -16.61 -6.86
CA ARG A 261 5.02 -16.81 -7.47
C ARG A 261 4.08 -17.41 -6.44
N SER A 262 4.57 -18.35 -5.63
CA SER A 262 3.79 -18.96 -4.56
C SER A 262 3.25 -17.91 -3.61
N LEU A 263 4.17 -17.04 -3.15
CA LEU A 263 3.80 -16.04 -2.16
C LEU A 263 2.82 -15.07 -2.81
N LEU A 264 3.07 -14.63 -4.05
CA LEU A 264 2.16 -13.69 -4.68
C LEU A 264 0.77 -14.30 -4.81
N SER A 265 0.72 -15.58 -5.18
CA SER A 265 -0.57 -16.24 -5.33
C SER A 265 -1.35 -16.23 -4.02
N GLN A 266 -0.69 -16.42 -2.88
CA GLN A 266 -1.36 -16.40 -1.60
C GLN A 266 -1.79 -14.99 -1.18
N MET A 267 -1.10 -13.97 -1.70
CA MET A 267 -1.47 -12.59 -1.43
C MET A 267 -2.63 -12.13 -2.30
N LEU A 268 -2.90 -12.84 -3.41
CA LEU A 268 -3.96 -12.43 -4.33
C LEU A 268 -5.09 -13.48 -4.34
N HIS A 269 -5.23 -14.29 -3.28
CA HIS A 269 -6.43 -15.11 -3.14
C HIS A 269 -7.67 -14.23 -3.10
N TYR A 270 -8.70 -14.66 -3.83
CA TYR A 270 -9.94 -13.89 -3.86
C TYR A 270 -10.59 -13.80 -2.49
N ASP A 271 -10.76 -14.95 -1.81
CA ASP A 271 -11.43 -14.99 -0.52
C ASP A 271 -10.56 -14.29 0.52
N PRO A 272 -10.99 -13.17 1.14
CA PRO A 272 -10.14 -12.47 2.11
C PRO A 272 -9.75 -13.35 3.28
N ASN A 273 -10.56 -14.35 3.57
CA ASN A 273 -10.26 -15.30 4.63
C ASN A 273 -9.15 -16.28 4.26
N LYS A 274 -8.94 -16.55 2.98
CA LYS A 274 -7.91 -17.48 2.55
C LYS A 274 -6.60 -16.71 2.32
N ARG A 275 -6.70 -15.40 2.08
CA ARG A 275 -5.55 -14.57 1.72
C ARG A 275 -4.55 -14.64 2.86
N ILE A 276 -3.26 -14.73 2.55
CA ILE A 276 -2.24 -14.88 3.58
C ILE A 276 -2.18 -13.63 4.46
N SER A 277 -1.90 -13.81 5.77
CA SER A 277 -1.63 -12.70 6.67
C SER A 277 -0.20 -12.21 6.51
N ALA A 278 0.03 -10.98 6.99
CA ALA A 278 1.36 -10.39 6.95
C ALA A 278 2.32 -11.27 7.76
N LYS A 279 1.86 -11.66 8.95
CA LYS A 279 2.68 -12.48 9.85
C LYS A 279 3.05 -13.81 9.19
N ALA A 280 2.08 -14.50 8.55
CA ALA A 280 2.39 -15.76 7.89
C ALA A 280 3.26 -15.57 6.65
N ALA A 281 3.09 -14.44 5.93
CA ALA A 281 3.88 -14.19 4.75
C ALA A 281 5.37 -14.03 5.12
N LEU A 282 5.65 -13.46 6.29
CA LEU A 282 7.04 -13.30 6.72
C LEU A 282 7.73 -14.65 6.87
N ALA A 283 6.96 -15.72 7.10
CA ALA A 283 7.55 -17.04 7.28
C ALA A 283 7.62 -17.79 5.96
N HIS A 284 7.16 -17.17 4.86
CA HIS A 284 7.17 -17.88 3.59
C HIS A 284 8.59 -18.25 3.16
N PRO A 285 8.80 -19.41 2.50
CA PRO A 285 10.12 -19.77 1.96
C PRO A 285 10.82 -18.74 1.07
N PHE A 286 10.07 -17.89 0.38
CA PHE A 286 10.68 -16.83 -0.43
C PHE A 286 11.68 -16.00 0.38
N PHE A 287 11.48 -15.84 1.69
CA PHE A 287 12.32 -14.97 2.49
C PHE A 287 13.48 -15.74 3.16
N GLN A 288 13.72 -16.98 2.76
CA GLN A 288 14.80 -17.78 3.33
C GLN A 288 16.13 -17.03 3.20
N ASP A 289 16.35 -16.39 2.06
CA ASP A 289 17.64 -15.77 1.79
C ASP A 289 17.57 -14.25 1.81
N VAL A 290 16.60 -13.69 2.52
CA VAL A 290 16.46 -12.23 2.51
C VAL A 290 17.70 -11.56 3.11
N THR A 291 17.98 -10.37 2.58
CA THR A 291 19.07 -9.51 2.99
C THR A 291 18.58 -8.08 3.00
N LYS A 292 19.47 -7.14 3.34
CA LYS A 292 19.13 -5.73 3.28
C LYS A 292 20.14 -4.96 2.41
N PRO A 293 19.93 -4.94 1.08
CA PRO A 293 20.75 -4.14 0.19
C PRO A 293 20.50 -2.65 0.39
N VAL A 294 21.47 -1.83 0.00
CA VAL A 294 21.23 -0.39 -0.02
C VAL A 294 20.97 -0.01 -1.48
N PRO A 295 19.92 0.76 -1.78
CA PRO A 295 19.70 1.19 -3.16
C PRO A 295 20.70 2.31 -3.47
N HIS A 296 21.02 2.52 -4.74
CA HIS A 296 21.65 3.76 -5.15
C HIS A 296 20.54 4.76 -5.42
N LEU A 297 20.47 5.84 -4.60
CA LEU A 297 19.45 6.85 -4.79
C LEU A 297 20.12 8.12 -5.30
N ARG A 298 19.49 8.68 -6.33
CA ARG A 298 19.84 9.99 -6.82
C ARG A 298 18.81 10.97 -6.28
N LEU A 299 19.26 11.89 -5.41
CA LEU A 299 18.39 12.84 -4.74
C LEU A 299 18.67 14.24 -5.30
N1 A1IE9 B . 8.69 12.47 0.79
N3 A1IE9 B . 4.49 11.58 4.01
C4 A1IE9 B . 8.88 12.46 -0.61
C5 A1IE9 B . 7.56 12.22 1.52
C6 A1IE9 B . 5.29 12.00 1.63
C7 A1IE9 B . 3.90 12.19 -0.31
C8 A1IE9 B . 2.43 11.97 -0.66
C10 A1IE9 B . 0.65 12.16 -2.42
C13 A1IE9 B . 2.03 10.56 -0.26
C15 A1IE9 B . 5.23 11.49 5.10
C17 A1IE9 B . 10.08 12.96 -1.12
O1 A1IE9 B . 9.94 10.90 -5.27
S1 A1IE9 B . 9.66 12.26 -5.04
O2 A1IE9 B . 10.79 13.15 -5.26
F1 A1IE9 B . 8.39 12.58 -5.90
C1 A1IE9 B . 9.34 12.36 -3.32
C2 A1IE9 B . 8.17 11.84 -2.82
C3 A1IE9 B . 7.94 11.86 -1.46
N2 A1IE9 B . 6.37 12.22 0.91
O3 A1IE9 B . 4.06 11.93 1.10
C9 A1IE9 B . 2.16 12.24 -2.13
C11 A1IE9 B . -0.07 11.13 -1.56
C12 A1IE9 B . 0.82 10.02 -1.04
C14 A1IE9 B . 5.40 11.84 3.00
N4 A1IE9 B . 6.56 11.68 4.88
C16 A1IE9 B . 6.69 11.91 3.55
N5 A1IE9 B . 7.80 12.12 2.85
C18 A1IE9 B . 10.30 12.93 -2.49
#